data_1J9K
#
_entry.id   1J9K
#
_cell.length_a   114.910
_cell.length_b   114.910
_cell.length_c   78.540
_cell.angle_alpha   90.00
_cell.angle_beta   90.00
_cell.angle_gamma   120.00
#
_symmetry.space_group_name_H-M   'P 31 2 1'
#
loop_
_entity.id
_entity.type
_entity.pdbx_description
1 polymer 'STATIONARY PHASE SURVIVAL PROTEIN'
2 non-polymer 'CALCIUM ION'
3 non-polymer TUNGSTATE(VI)ION
4 non-polymer '4-(2-HYDROXYETHYL)-1-PIPERAZINE ETHANESULFONIC ACID'
5 water water
#
_entity_poly.entity_id   1
_entity_poly.type   'polypeptide(L)'
_entity_poly.pdbx_seq_one_letter_code
;MRILVTNDDGIQSKGIIVLAELLSEEHEVFVVAPDKERSATGHSITIHVPLWMKKVFISERVVAYSTTGTPADCVKLAYN
VVMDKRVDLIVSGVNRGPNMGMDILHSGTVSGAMEGAMMNIPSIAISSANYESPDFEGAARFLIDFLKEFDFSLLDPFTM
LNINVPAGEIKGWRFTRQSRRRWNDYFEERVSPFGEKYYWMMGEVIEDDDRDDVDYKAVREGYVSITPIHPFLTNEQCLK
KLREVYD
;
_entity_poly.pdbx_strand_id   A,B
#
# COMPACT_ATOMS: atom_id res chain seq x y z
N MET A 1 14.69 -8.54 -0.61
CA MET A 1 13.30 -8.34 -1.08
C MET A 1 12.33 -9.21 -0.29
N ARG A 2 11.24 -8.60 0.17
CA ARG A 2 10.21 -9.32 0.93
C ARG A 2 9.19 -9.84 -0.07
N ILE A 3 9.18 -11.16 -0.24
CA ILE A 3 8.26 -11.77 -1.19
C ILE A 3 7.12 -12.54 -0.54
N LEU A 4 5.94 -12.40 -1.10
CA LEU A 4 4.77 -13.09 -0.61
C LEU A 4 4.50 -14.20 -1.62
N VAL A 5 4.44 -15.43 -1.13
CA VAL A 5 4.18 -16.58 -1.99
C VAL A 5 2.83 -17.18 -1.60
N THR A 6 2.01 -17.47 -2.60
CA THR A 6 0.70 -18.05 -2.36
C THR A 6 0.38 -18.97 -3.54
N ASN A 7 -0.79 -19.59 -3.54
CA ASN A 7 -1.17 -20.49 -4.64
C ASN A 7 -2.63 -20.86 -4.43
N ASP A 8 -3.16 -21.79 -5.23
CA ASP A 8 -4.54 -22.18 -5.06
C ASP A 8 -4.70 -23.68 -4.81
N ASP A 9 -3.57 -24.38 -4.72
CA ASP A 9 -3.60 -25.83 -4.49
C ASP A 9 -3.49 -26.18 -3.01
N GLY A 10 -3.10 -25.22 -2.19
CA GLY A 10 -2.97 -25.50 -0.77
C GLY A 10 -1.52 -25.34 -0.34
N ILE A 11 -1.34 -24.91 0.90
CA ILE A 11 -0.01 -24.71 1.45
C ILE A 11 0.88 -25.95 1.47
N GLN A 12 0.29 -27.13 1.36
CA GLN A 12 1.06 -28.37 1.38
C GLN A 12 1.41 -28.86 -0.02
N SER A 13 1.05 -28.08 -1.04
CA SER A 13 1.33 -28.44 -2.41
C SER A 13 2.82 -28.39 -2.74
N LYS A 14 3.27 -29.35 -3.55
CA LYS A 14 4.66 -29.42 -3.95
C LYS A 14 5.08 -28.19 -4.75
N GLY A 15 4.15 -27.66 -5.55
CA GLY A 15 4.46 -26.50 -6.36
C GLY A 15 4.80 -25.24 -5.58
N ILE A 16 4.14 -25.02 -4.46
CA ILE A 16 4.41 -23.83 -3.66
C ILE A 16 5.65 -23.98 -2.77
N ILE A 17 5.86 -25.20 -2.28
CA ILE A 17 7.00 -25.49 -1.41
C ILE A 17 8.32 -25.28 -2.14
N VAL A 18 8.47 -25.88 -3.31
CA VAL A 18 9.70 -25.73 -4.08
C VAL A 18 9.96 -24.25 -4.38
N LEU A 19 8.91 -23.55 -4.81
CA LEU A 19 9.03 -22.13 -5.13
C LEU A 19 9.52 -21.34 -3.92
N ALA A 20 8.90 -21.56 -2.76
CA ALA A 20 9.27 -20.86 -1.54
C ALA A 20 10.71 -21.16 -1.10
N GLU A 21 11.06 -22.45 -1.06
CA GLU A 21 12.40 -22.85 -0.66
C GLU A 21 13.47 -22.23 -1.55
N LEU A 22 13.25 -22.25 -2.87
CA LEU A 22 14.22 -21.69 -3.80
C LEU A 22 14.33 -20.17 -3.68
N LEU A 23 13.21 -19.51 -3.41
CA LEU A 23 13.23 -18.06 -3.27
C LEU A 23 13.83 -17.64 -1.93
N SER A 24 13.71 -18.52 -0.94
CA SER A 24 14.24 -18.23 0.40
C SER A 24 15.75 -18.15 0.47
N GLU A 25 16.45 -18.69 -0.54
CA GLU A 25 17.91 -18.65 -0.52
C GLU A 25 18.48 -17.25 -0.73
N GLU A 26 17.67 -16.33 -1.24
CA GLU A 26 18.15 -14.98 -1.48
C GLU A 26 17.21 -13.90 -0.98
N HIS A 27 15.95 -14.26 -0.74
CA HIS A 27 14.98 -13.28 -0.26
C HIS A 27 14.29 -13.69 1.03
N GLU A 28 13.54 -12.75 1.59
CA GLU A 28 12.80 -12.97 2.82
C GLU A 28 11.42 -13.38 2.30
N VAL A 29 11.13 -14.67 2.39
CA VAL A 29 9.87 -15.23 1.93
C VAL A 29 8.78 -15.54 2.96
N PHE A 30 7.56 -15.08 2.66
CA PHE A 30 6.42 -15.29 3.53
C PHE A 30 5.42 -16.08 2.69
N VAL A 31 4.95 -17.20 3.22
CA VAL A 31 3.99 -18.02 2.51
C VAL A 31 2.63 -17.95 3.20
N VAL A 32 1.61 -17.52 2.48
CA VAL A 32 0.26 -17.43 3.02
C VAL A 32 -0.60 -18.03 1.94
N ALA A 33 -1.02 -19.27 2.14
CA ALA A 33 -1.83 -19.98 1.17
C ALA A 33 -3.04 -20.67 1.77
N PRO A 34 -3.97 -21.14 0.91
CA PRO A 34 -5.18 -21.83 1.38
C PRO A 34 -4.88 -23.11 2.16
N ASP A 35 -5.79 -23.46 3.06
CA ASP A 35 -5.62 -24.67 3.85
C ASP A 35 -6.28 -25.86 3.16
N LYS A 36 -6.66 -25.68 1.90
CA LYS A 36 -7.29 -26.74 1.12
C LYS A 36 -7.32 -26.44 -0.38
N GLU A 37 -7.80 -27.39 -1.16
CA GLU A 37 -7.89 -27.25 -2.60
C GLU A 37 -8.72 -26.02 -2.97
N ARG A 38 -8.12 -25.11 -3.74
CA ARG A 38 -8.81 -23.89 -4.14
C ARG A 38 -8.74 -23.67 -5.65
N SER A 39 -8.44 -24.73 -6.38
CA SER A 39 -8.35 -24.63 -7.83
C SER A 39 -9.76 -24.34 -8.36
N ALA A 40 -9.84 -23.49 -9.38
CA ALA A 40 -11.10 -23.10 -10.03
C ALA A 40 -11.98 -22.21 -9.15
N THR A 41 -11.40 -21.57 -8.15
CA THR A 41 -12.20 -20.70 -7.29
C THR A 41 -12.26 -19.29 -7.84
N GLY A 42 -11.50 -19.02 -8.91
CA GLY A 42 -11.50 -17.69 -9.50
C GLY A 42 -11.09 -16.60 -8.53
N HIS A 43 -11.66 -15.41 -8.67
CA HIS A 43 -11.33 -14.29 -7.79
C HIS A 43 -12.33 -14.12 -6.63
N SER A 44 -12.78 -15.24 -6.07
CA SER A 44 -13.72 -15.17 -4.96
C SER A 44 -13.00 -14.65 -3.71
N ILE A 45 -13.76 -14.00 -2.83
CA ILE A 45 -13.23 -13.47 -1.58
C ILE A 45 -14.24 -13.77 -0.48
N THR A 46 -13.78 -13.78 0.76
CA THR A 46 -14.66 -14.09 1.89
C THR A 46 -15.13 -12.83 2.63
N ILE A 47 -16.40 -12.49 2.48
CA ILE A 47 -16.94 -11.31 3.14
C ILE A 47 -18.11 -11.61 4.09
N HIS A 48 -18.76 -12.76 3.91
CA HIS A 48 -19.89 -13.14 4.75
C HIS A 48 -19.57 -13.72 6.13
N VAL A 49 -18.40 -14.34 6.27
CA VAL A 49 -17.99 -14.92 7.53
C VAL A 49 -16.56 -14.51 7.80
N PRO A 50 -16.07 -14.73 9.02
CA PRO A 50 -14.68 -14.36 9.32
C PRO A 50 -13.63 -15.27 8.70
N LEU A 51 -12.39 -14.79 8.66
CA LEU A 51 -11.27 -15.54 8.11
C LEU A 51 -10.36 -15.97 9.25
N TRP A 52 -9.70 -17.11 9.09
CA TRP A 52 -8.80 -17.62 10.12
C TRP A 52 -7.46 -17.99 9.51
N MET A 53 -6.40 -17.92 10.30
CA MET A 53 -5.06 -18.26 9.83
C MET A 53 -4.42 -19.21 10.83
N LYS A 54 -3.44 -19.97 10.37
CA LYS A 54 -2.75 -20.92 11.22
C LYS A 54 -1.28 -20.93 10.81
N LYS A 55 -0.39 -20.77 11.78
CA LYS A 55 1.03 -20.77 11.46
C LYS A 55 1.44 -22.21 11.21
N VAL A 56 2.12 -22.44 10.10
CA VAL A 56 2.57 -23.78 9.75
C VAL A 56 4.05 -23.78 9.43
N PHE A 57 4.66 -24.96 9.45
CA PHE A 57 6.08 -25.08 9.16
C PHE A 57 6.26 -25.65 7.76
N ILE A 58 7.19 -25.07 7.01
CA ILE A 58 7.46 -25.53 5.65
C ILE A 58 8.95 -25.36 5.37
N SER A 59 9.63 -24.67 6.26
CA SER A 59 11.06 -24.40 6.15
C SER A 59 11.47 -23.36 7.18
N GLU A 60 12.53 -23.64 7.92
CA GLU A 60 13.01 -22.72 8.95
C GLU A 60 13.46 -21.41 8.32
N ARG A 61 13.47 -21.37 6.99
CA ARG A 61 13.90 -20.19 6.27
C ARG A 61 12.74 -19.26 5.91
N VAL A 62 11.50 -19.78 5.97
CA VAL A 62 10.36 -18.95 5.63
C VAL A 62 9.26 -18.93 6.67
N VAL A 63 8.50 -17.83 6.67
CA VAL A 63 7.39 -17.66 7.60
C VAL A 63 6.18 -18.14 6.81
N ALA A 64 5.45 -19.11 7.35
CA ALA A 64 4.29 -19.63 6.65
C ALA A 64 3.00 -19.64 7.44
N TYR A 65 1.89 -19.41 6.74
CA TYR A 65 0.56 -19.38 7.31
C TYR A 65 -0.46 -19.93 6.33
N SER A 66 -1.40 -20.71 6.84
CA SER A 66 -2.44 -21.27 5.99
C SER A 66 -3.66 -20.47 6.44
N THR A 67 -4.65 -20.30 5.57
CA THR A 67 -5.84 -19.54 5.95
C THR A 67 -7.05 -20.31 5.43
N THR A 68 -8.20 -20.04 6.02
CA THR A 68 -9.43 -20.70 5.62
C THR A 68 -10.02 -20.00 4.40
N GLY A 69 -9.28 -19.04 3.85
CA GLY A 69 -9.77 -18.32 2.70
C GLY A 69 -9.24 -18.69 1.32
N THR A 70 -9.68 -17.91 0.33
CA THR A 70 -9.31 -18.09 -1.07
C THR A 70 -7.94 -17.47 -1.35
N PRO A 71 -7.39 -17.68 -2.55
CA PRO A 71 -6.10 -17.11 -2.90
C PRO A 71 -6.12 -15.59 -2.72
N ALA A 72 -7.18 -14.94 -3.17
CA ALA A 72 -7.28 -13.49 -3.02
C ALA A 72 -7.37 -13.13 -1.53
N ASP A 73 -8.06 -13.95 -0.74
CA ASP A 73 -8.17 -13.68 0.71
C ASP A 73 -6.77 -13.74 1.30
N CYS A 74 -6.01 -14.74 0.87
CA CYS A 74 -4.65 -14.92 1.36
C CYS A 74 -3.76 -13.71 1.10
N VAL A 75 -3.90 -13.09 -0.06
CA VAL A 75 -3.09 -11.93 -0.39
C VAL A 75 -3.49 -10.75 0.50
N LYS A 76 -4.79 -10.55 0.68
CA LYS A 76 -5.28 -9.45 1.51
C LYS A 76 -4.79 -9.64 2.95
N LEU A 77 -4.91 -10.87 3.45
CA LEU A 77 -4.48 -11.18 4.82
C LEU A 77 -2.97 -11.03 4.98
N ALA A 78 -2.21 -11.53 4.01
CA ALA A 78 -0.76 -11.45 4.07
C ALA A 78 -0.35 -9.98 4.15
N TYR A 79 -0.89 -9.20 3.22
CA TYR A 79 -0.60 -7.77 3.14
C TYR A 79 -0.96 -7.00 4.41
N ASN A 80 -2.20 -7.13 4.86
CA ASN A 80 -2.65 -6.42 6.05
C ASN A 80 -2.30 -6.98 7.43
N VAL A 81 -2.18 -8.30 7.57
CA VAL A 81 -1.87 -8.88 8.87
C VAL A 81 -0.57 -9.63 9.08
N VAL A 82 -0.04 -10.25 8.05
CA VAL A 82 1.20 -10.99 8.23
C VAL A 82 2.46 -10.22 7.87
N MET A 83 2.43 -9.52 6.74
CA MET A 83 3.59 -8.77 6.30
C MET A 83 3.64 -7.28 6.64
N ASP A 84 2.72 -6.82 7.47
CA ASP A 84 2.68 -5.41 7.88
C ASP A 84 2.72 -4.43 6.71
N LYS A 85 2.00 -4.75 5.63
CA LYS A 85 1.94 -3.90 4.44
C LYS A 85 3.30 -3.69 3.76
N ARG A 86 4.24 -4.59 4.01
CA ARG A 86 5.56 -4.48 3.42
C ARG A 86 5.79 -5.68 2.49
N VAL A 87 5.36 -5.53 1.25
CA VAL A 87 5.49 -6.57 0.24
C VAL A 87 6.15 -6.01 -1.02
N ASP A 88 7.29 -6.57 -1.41
CA ASP A 88 7.97 -6.08 -2.61
C ASP A 88 7.52 -6.81 -3.86
N LEU A 89 7.14 -8.06 -3.69
CA LEU A 89 6.70 -8.87 -4.82
C LEU A 89 5.77 -9.98 -4.38
N ILE A 90 4.82 -10.30 -5.24
CA ILE A 90 3.86 -11.34 -4.97
C ILE A 90 3.98 -12.38 -6.07
N VAL A 91 4.17 -13.64 -5.66
CA VAL A 91 4.29 -14.73 -6.61
C VAL A 91 3.25 -15.76 -6.21
N SER A 92 2.35 -16.07 -7.14
CA SER A 92 1.30 -17.04 -6.90
C SER A 92 1.58 -18.26 -7.79
N GLY A 93 1.91 -19.38 -7.16
CA GLY A 93 2.22 -20.62 -7.88
C GLY A 93 3.15 -21.50 -7.04
N VAL A 94 3.84 -22.47 -7.63
CA VAL A 94 3.79 -22.77 -9.06
C VAL A 94 2.59 -23.70 -9.22
N ASN A 95 1.66 -23.32 -10.09
CA ASN A 95 0.49 -24.14 -10.30
C ASN A 95 0.75 -25.38 -11.16
N ARG A 96 0.02 -26.45 -10.86
CA ARG A 96 0.17 -27.69 -11.62
C ARG A 96 -0.85 -27.58 -12.75
N GLY A 97 -0.37 -27.23 -13.94
CA GLY A 97 -1.27 -27.10 -15.07
C GLY A 97 -1.24 -25.69 -15.63
N PRO A 98 -1.59 -25.52 -16.91
CA PRO A 98 -1.59 -24.20 -17.52
C PRO A 98 -2.72 -23.27 -17.09
N ASN A 99 -2.47 -21.98 -17.27
CA ASN A 99 -3.44 -20.95 -16.94
C ASN A 99 -3.37 -19.99 -18.10
N MET A 100 -4.06 -20.34 -19.17
CA MET A 100 -4.08 -19.54 -20.38
C MET A 100 -5.47 -19.36 -20.96
N GLY A 101 -5.59 -18.39 -21.85
CA GLY A 101 -6.87 -18.12 -22.48
C GLY A 101 -7.88 -17.61 -21.45
N MET A 102 -9.14 -17.93 -21.69
CA MET A 102 -10.24 -17.52 -20.82
C MET A 102 -10.26 -18.26 -19.48
N ASP A 103 -9.45 -19.30 -19.37
CA ASP A 103 -9.39 -20.08 -18.14
C ASP A 103 -8.85 -19.24 -16.98
N ILE A 104 -8.15 -18.16 -17.30
CA ILE A 104 -7.60 -17.34 -16.24
C ILE A 104 -8.67 -16.63 -15.42
N LEU A 105 -9.87 -16.51 -15.96
CA LEU A 105 -10.94 -15.85 -15.20
C LEU A 105 -11.37 -16.69 -14.02
N HIS A 106 -11.20 -18.01 -14.10
CA HIS A 106 -11.61 -18.83 -12.96
C HIS A 106 -10.41 -19.44 -12.22
N SER A 107 -9.21 -18.99 -12.60
CA SER A 107 -7.98 -19.48 -11.98
C SER A 107 -7.71 -18.87 -10.62
N GLY A 108 -7.54 -19.72 -9.61
CA GLY A 108 -7.27 -19.23 -8.28
C GLY A 108 -5.86 -18.70 -8.23
N THR A 109 -4.96 -19.35 -8.98
CA THR A 109 -3.56 -18.93 -9.03
C THR A 109 -3.46 -17.51 -9.55
N VAL A 110 -4.17 -17.24 -10.65
CA VAL A 110 -4.16 -15.92 -11.24
C VAL A 110 -4.80 -14.87 -10.33
N SER A 111 -5.87 -15.27 -9.64
CA SER A 111 -6.56 -14.35 -8.74
C SER A 111 -5.67 -13.85 -7.63
N GLY A 112 -4.80 -14.72 -7.11
CA GLY A 112 -3.91 -14.32 -6.05
C GLY A 112 -3.04 -13.17 -6.54
N ALA A 113 -2.43 -13.36 -7.71
CA ALA A 113 -1.56 -12.34 -8.28
C ALA A 113 -2.34 -11.08 -8.66
N MET A 114 -3.57 -11.27 -9.14
CA MET A 114 -4.40 -10.13 -9.54
C MET A 114 -4.73 -9.26 -8.33
N GLU A 115 -4.90 -9.88 -7.17
CA GLU A 115 -5.21 -9.10 -5.97
C GLU A 115 -4.01 -8.18 -5.75
N GLY A 116 -2.81 -8.68 -6.06
CA GLY A 116 -1.62 -7.88 -5.89
C GLY A 116 -1.61 -6.73 -6.88
N ALA A 117 -1.99 -7.00 -8.12
CA ALA A 117 -2.02 -5.98 -9.16
C ALA A 117 -2.98 -4.84 -8.78
N MET A 118 -4.10 -5.18 -8.17
CA MET A 118 -5.10 -4.20 -7.76
C MET A 118 -4.54 -3.26 -6.70
N MET A 119 -3.49 -3.68 -6.00
CA MET A 119 -2.88 -2.85 -4.97
C MET A 119 -1.59 -2.26 -5.51
N ASN A 120 -1.38 -2.43 -6.81
CA ASN A 120 -0.19 -1.94 -7.46
C ASN A 120 1.11 -2.50 -6.91
N ILE A 121 1.06 -3.77 -6.48
CA ILE A 121 2.24 -4.43 -5.95
C ILE A 121 2.69 -5.34 -7.08
N PRO A 122 3.98 -5.30 -7.46
CA PRO A 122 4.40 -6.17 -8.55
C PRO A 122 3.99 -7.60 -8.23
N SER A 123 3.23 -8.21 -9.14
CA SER A 123 2.77 -9.57 -8.93
C SER A 123 2.93 -10.50 -10.13
N ILE A 124 3.12 -11.77 -9.83
CA ILE A 124 3.30 -12.79 -10.83
C ILE A 124 2.52 -14.07 -10.49
N ALA A 125 1.84 -14.61 -11.50
CA ALA A 125 1.09 -15.85 -11.32
C ALA A 125 1.98 -16.75 -12.16
N ILE A 126 2.42 -17.88 -11.62
CA ILE A 126 3.28 -18.77 -12.40
C ILE A 126 2.74 -20.19 -12.40
N SER A 127 2.67 -20.78 -13.60
CA SER A 127 2.17 -22.14 -13.79
C SER A 127 3.06 -23.01 -14.69
N SER A 128 3.13 -24.29 -14.36
CA SER A 128 3.92 -25.24 -15.14
C SER A 128 2.86 -25.77 -16.10
N ALA A 129 2.98 -25.41 -17.36
CA ALA A 129 2.05 -25.79 -18.43
C ALA A 129 1.87 -27.26 -18.78
N ASN A 130 1.90 -28.14 -17.78
CA ASN A 130 1.73 -29.57 -18.03
C ASN A 130 1.21 -30.21 -16.76
N TYR A 131 -0.10 -30.45 -16.72
CA TYR A 131 -0.73 -31.05 -15.55
C TYR A 131 -0.19 -32.45 -15.25
N GLU A 132 -0.14 -33.30 -16.27
CA GLU A 132 0.35 -34.66 -16.11
C GLU A 132 1.75 -34.72 -15.54
N SER A 133 2.71 -34.11 -16.22
CA SER A 133 4.09 -34.10 -15.76
C SER A 133 4.59 -32.68 -15.59
N PRO A 134 4.25 -32.04 -14.45
CA PRO A 134 4.67 -30.68 -14.16
C PRO A 134 6.14 -30.62 -13.76
N ASP A 135 6.77 -29.47 -13.98
CA ASP A 135 8.18 -29.31 -13.62
C ASP A 135 8.29 -28.08 -12.72
N PHE A 136 7.91 -28.28 -11.46
CA PHE A 136 7.95 -27.22 -10.45
C PHE A 136 9.31 -26.57 -10.27
N GLU A 137 10.37 -27.39 -10.25
CA GLU A 137 11.73 -26.86 -10.09
C GLU A 137 12.13 -26.01 -11.28
N GLY A 138 11.89 -26.52 -12.48
CA GLY A 138 12.24 -25.77 -13.68
C GLY A 138 11.53 -24.43 -13.72
N ALA A 139 10.27 -24.42 -13.30
CA ALA A 139 9.48 -23.18 -13.30
C ALA A 139 10.06 -22.24 -12.25
N ALA A 140 10.40 -22.79 -11.09
CA ALA A 140 10.95 -22.00 -10.00
C ALA A 140 12.30 -21.42 -10.39
N ARG A 141 13.15 -22.27 -10.99
CA ARG A 141 14.48 -21.85 -11.42
C ARG A 141 14.35 -20.72 -12.44
N PHE A 142 13.40 -20.87 -13.35
CA PHE A 142 13.21 -19.86 -14.38
C PHE A 142 12.83 -18.53 -13.73
N LEU A 143 11.96 -18.60 -12.72
CA LEU A 143 11.51 -17.40 -12.02
C LEU A 143 12.69 -16.66 -11.39
N ILE A 144 13.52 -17.38 -10.66
CA ILE A 144 14.69 -16.79 -10.00
C ILE A 144 15.53 -16.03 -11.01
N ASP A 145 15.69 -16.60 -12.21
CA ASP A 145 16.47 -15.98 -13.25
C ASP A 145 15.74 -14.74 -13.77
N PHE A 146 14.43 -14.87 -13.97
CA PHE A 146 13.62 -13.76 -14.47
C PHE A 146 13.68 -12.54 -13.56
N LEU A 147 13.68 -12.77 -12.25
CA LEU A 147 13.75 -11.68 -11.27
C LEU A 147 15.04 -10.88 -11.36
N LYS A 148 16.08 -11.49 -11.93
CA LYS A 148 17.37 -10.83 -12.07
C LYS A 148 17.49 -10.05 -13.38
N GLU A 149 16.76 -10.48 -14.41
CA GLU A 149 16.81 -9.81 -15.71
C GLU A 149 15.66 -8.88 -16.04
N PHE A 150 14.54 -8.98 -15.32
CA PHE A 150 13.40 -8.12 -15.60
C PHE A 150 13.33 -6.84 -14.77
N ASP A 151 12.94 -5.75 -15.43
CA ASP A 151 12.83 -4.46 -14.78
C ASP A 151 11.34 -4.19 -14.56
N PHE A 152 10.88 -4.40 -13.33
CA PHE A 152 9.49 -4.19 -12.97
C PHE A 152 8.93 -2.77 -13.11
N SER A 153 9.79 -1.80 -13.41
CA SER A 153 9.34 -0.42 -13.56
C SER A 153 8.60 -0.28 -14.88
N LEU A 154 8.73 -1.29 -15.73
CA LEU A 154 8.08 -1.27 -17.03
C LEU A 154 6.61 -1.68 -16.89
N LEU A 155 6.29 -2.28 -15.75
CA LEU A 155 4.95 -2.73 -15.46
C LEU A 155 4.05 -1.53 -15.18
N ASP A 156 2.99 -1.39 -15.96
CA ASP A 156 2.06 -0.28 -15.77
C ASP A 156 1.26 -0.52 -14.49
N PRO A 157 0.59 0.52 -13.99
CA PRO A 157 -0.19 0.31 -12.77
C PRO A 157 -1.29 -0.74 -12.94
N PHE A 158 -1.64 -1.37 -11.83
CA PHE A 158 -2.66 -2.41 -11.80
C PHE A 158 -2.38 -3.54 -12.79
N THR A 159 -1.10 -3.71 -13.14
CA THR A 159 -0.73 -4.76 -14.08
C THR A 159 0.14 -5.85 -13.48
N MET A 160 -0.27 -7.10 -13.69
CA MET A 160 0.47 -8.25 -13.18
C MET A 160 0.98 -9.06 -14.36
N LEU A 161 1.81 -10.07 -14.07
CA LEU A 161 2.36 -10.93 -15.13
C LEU A 161 1.85 -12.36 -14.99
N ASN A 162 1.12 -12.86 -16.00
CA ASN A 162 0.60 -14.22 -15.98
C ASN A 162 1.64 -15.06 -16.72
N ILE A 163 2.36 -15.89 -15.99
CA ILE A 163 3.38 -16.72 -16.60
C ILE A 163 3.14 -18.22 -16.66
N ASN A 164 3.36 -18.77 -17.85
CA ASN A 164 3.19 -20.21 -18.10
C ASN A 164 4.51 -20.72 -18.66
N VAL A 165 5.09 -21.67 -17.93
CA VAL A 165 6.37 -22.28 -18.29
C VAL A 165 6.23 -23.67 -18.91
N PRO A 166 6.90 -23.92 -20.04
CA PRO A 166 6.83 -25.24 -20.68
C PRO A 166 7.40 -26.27 -19.70
N ALA A 167 6.92 -27.50 -19.76
CA ALA A 167 7.41 -28.54 -18.86
C ALA A 167 8.73 -29.14 -19.36
N GLY A 168 8.89 -29.19 -20.68
CA GLY A 168 10.10 -29.74 -21.25
C GLY A 168 11.25 -28.77 -21.22
N GLU A 169 11.76 -28.41 -22.39
CA GLU A 169 12.86 -27.46 -22.48
C GLU A 169 12.36 -26.03 -22.64
N ILE A 170 13.01 -25.11 -21.95
CA ILE A 170 12.63 -23.70 -22.03
C ILE A 170 13.58 -23.11 -23.06
N LYS A 171 13.08 -22.87 -24.26
CA LYS A 171 13.89 -22.33 -25.33
C LYS A 171 13.98 -20.80 -25.33
N GLY A 172 13.36 -20.17 -24.33
CA GLY A 172 13.40 -18.72 -24.25
C GLY A 172 12.15 -18.08 -23.66
N TRP A 173 12.16 -16.75 -23.58
CA TRP A 173 11.03 -16.00 -23.05
C TRP A 173 10.30 -15.27 -24.16
N ARG A 174 9.00 -15.08 -23.99
CA ARG A 174 8.21 -14.39 -25.00
C ARG A 174 7.04 -13.64 -24.38
N PHE A 175 6.93 -12.36 -24.67
CA PHE A 175 5.83 -11.58 -24.11
C PHE A 175 4.66 -11.89 -25.02
N THR A 176 3.57 -12.35 -24.42
CA THR A 176 2.38 -12.70 -25.16
C THR A 176 1.13 -12.00 -24.69
N ARG A 177 0.06 -12.17 -25.45
CA ARG A 177 -1.22 -11.58 -25.11
C ARG A 177 -2.06 -12.78 -24.71
N GLN A 178 -3.16 -12.55 -24.01
CA GLN A 178 -4.02 -13.65 -23.60
C GLN A 178 -4.73 -14.20 -24.84
N SER A 179 -4.84 -15.52 -24.94
CA SER A 179 -5.51 -16.14 -26.08
C SER A 179 -7.00 -16.30 -25.74
N ARG A 180 -7.76 -16.87 -26.67
CA ARG A 180 -9.17 -17.07 -26.41
C ARG A 180 -9.40 -18.54 -26.17
N ARG A 181 -8.34 -19.22 -25.76
CA ARG A 181 -8.41 -20.66 -25.48
C ARG A 181 -9.52 -20.86 -24.46
N ARG A 182 -10.34 -21.86 -24.70
CA ARG A 182 -11.45 -22.15 -23.79
C ARG A 182 -11.83 -23.62 -23.92
N TRP A 183 -13.04 -23.97 -23.50
CA TRP A 183 -13.48 -25.36 -23.58
C TRP A 183 -14.86 -25.66 -24.14
N ASN A 184 -14.98 -26.87 -24.68
CA ASN A 184 -16.23 -27.36 -25.24
C ASN A 184 -16.58 -28.21 -24.03
N ASP A 185 -17.14 -27.59 -23.00
CA ASP A 185 -17.48 -28.34 -21.81
C ASP A 185 -18.93 -28.82 -21.78
N TYR A 186 -19.10 -30.05 -21.30
CA TYR A 186 -20.40 -30.66 -21.20
C TYR A 186 -20.48 -31.41 -19.86
N PHE A 187 -21.51 -32.23 -19.69
CA PHE A 187 -21.64 -32.96 -18.45
C PHE A 187 -21.86 -34.46 -18.60
N GLU A 188 -21.30 -35.20 -17.65
CA GLU A 188 -21.41 -36.64 -17.61
C GLU A 188 -22.52 -36.80 -16.57
N GLU A 189 -23.66 -37.34 -16.97
CA GLU A 189 -24.77 -37.53 -16.05
C GLU A 189 -24.75 -38.92 -15.41
N ARG A 190 -24.97 -38.95 -14.09
CA ARG A 190 -24.99 -40.20 -13.35
C ARG A 190 -26.10 -40.22 -12.32
N VAL A 191 -26.33 -41.40 -11.72
CA VAL A 191 -27.36 -41.55 -10.72
C VAL A 191 -26.76 -42.02 -9.39
N SER A 192 -27.22 -41.41 -8.30
CA SER A 192 -26.74 -41.75 -6.96
C SER A 192 -27.50 -42.95 -6.39
N PRO A 193 -27.05 -43.45 -5.22
CA PRO A 193 -27.67 -44.59 -4.55
C PRO A 193 -29.13 -44.31 -4.21
N PHE A 194 -29.41 -43.08 -3.80
CA PHE A 194 -30.77 -42.71 -3.45
C PHE A 194 -31.60 -42.26 -4.65
N GLY A 195 -31.24 -42.78 -5.82
CA GLY A 195 -31.95 -42.46 -7.05
C GLY A 195 -31.92 -41.05 -7.63
N GLU A 196 -31.07 -40.16 -7.11
CA GLU A 196 -31.01 -38.80 -7.64
C GLU A 196 -29.83 -38.65 -8.61
N LYS A 197 -30.10 -38.04 -9.75
CA LYS A 197 -29.06 -37.84 -10.75
C LYS A 197 -28.11 -36.71 -10.37
N TYR A 198 -26.87 -36.81 -10.81
CA TYR A 198 -25.88 -35.79 -10.50
C TYR A 198 -25.02 -35.56 -11.74
N TYR A 199 -24.32 -34.43 -11.80
CA TYR A 199 -23.50 -34.13 -12.95
C TYR A 199 -22.02 -33.85 -12.72
N TRP A 200 -21.19 -34.41 -13.60
CA TRP A 200 -19.74 -34.25 -13.57
C TRP A 200 -19.38 -33.32 -14.73
N MET A 201 -18.72 -32.22 -14.44
CA MET A 201 -18.34 -31.29 -15.51
C MET A 201 -17.16 -31.87 -16.28
N MET A 202 -17.25 -31.85 -17.61
CA MET A 202 -16.20 -32.37 -18.47
C MET A 202 -16.00 -31.41 -19.64
N GLY A 203 -15.01 -31.68 -20.47
CA GLY A 203 -14.76 -30.83 -21.61
C GLY A 203 -13.50 -31.11 -22.40
N GLU A 204 -13.45 -30.58 -23.62
CA GLU A 204 -12.30 -30.75 -24.51
C GLU A 204 -11.84 -29.34 -24.80
N VAL A 205 -10.54 -29.12 -24.80
CA VAL A 205 -9.99 -27.80 -25.05
C VAL A 205 -10.23 -27.29 -26.48
N ILE A 206 -10.35 -25.97 -26.60
CA ILE A 206 -10.56 -25.34 -27.89
C ILE A 206 -9.41 -24.37 -28.14
N GLU A 207 -8.60 -24.67 -29.14
CA GLU A 207 -7.47 -23.81 -29.48
C GLU A 207 -7.75 -23.39 -30.90
N ASP A 208 -8.38 -22.22 -31.04
CA ASP A 208 -8.72 -21.71 -32.36
C ASP A 208 -8.31 -20.27 -32.58
N ASP A 209 -7.30 -19.82 -31.85
CA ASP A 209 -6.82 -18.45 -31.98
C ASP A 209 -5.97 -18.34 -33.23
N ASP A 210 -6.28 -17.37 -34.08
CA ASP A 210 -5.53 -17.18 -35.31
C ASP A 210 -4.27 -16.34 -35.08
N ARG A 211 -4.28 -15.51 -34.04
CA ARG A 211 -3.13 -14.66 -33.74
C ARG A 211 -1.92 -15.51 -33.39
N ASP A 212 -0.75 -15.05 -33.81
CA ASP A 212 0.51 -15.76 -33.57
C ASP A 212 1.21 -15.49 -32.24
N ASP A 213 0.93 -14.36 -31.60
CA ASP A 213 1.57 -14.04 -30.33
C ASP A 213 0.75 -14.31 -29.06
N VAL A 214 -0.08 -15.34 -29.08
CA VAL A 214 -0.91 -15.68 -27.91
C VAL A 214 -0.18 -16.65 -26.98
N ASP A 215 -0.60 -16.70 -25.72
CA ASP A 215 0.03 -17.58 -24.73
C ASP A 215 0.28 -19.06 -25.01
N TYR A 216 -0.73 -19.82 -25.41
CA TYR A 216 -0.49 -21.24 -25.67
C TYR A 216 0.43 -21.57 -26.84
N LYS A 217 0.44 -20.73 -27.87
CA LYS A 217 1.31 -20.99 -29.01
C LYS A 217 2.77 -20.88 -28.59
N ALA A 218 3.08 -19.89 -27.75
CA ALA A 218 4.45 -19.69 -27.28
C ALA A 218 4.88 -20.90 -26.46
N VAL A 219 4.00 -21.36 -25.57
CA VAL A 219 4.30 -22.51 -24.72
C VAL A 219 4.47 -23.75 -25.59
N ARG A 220 3.62 -23.87 -26.60
CA ARG A 220 3.66 -25.00 -27.51
C ARG A 220 5.03 -25.09 -28.18
N GLU A 221 5.63 -23.93 -28.45
CA GLU A 221 6.95 -23.87 -29.07
C GLU A 221 8.11 -23.97 -28.09
N GLY A 222 7.80 -24.30 -26.84
CA GLY A 222 8.84 -24.43 -25.84
C GLY A 222 9.27 -23.10 -25.25
N TYR A 223 8.45 -22.07 -25.43
CA TYR A 223 8.78 -20.76 -24.91
C TYR A 223 7.90 -20.32 -23.75
N VAL A 224 8.52 -19.75 -22.73
CA VAL A 224 7.80 -19.29 -21.56
C VAL A 224 6.87 -18.18 -22.03
N SER A 225 5.61 -18.26 -21.63
CA SER A 225 4.62 -17.26 -21.99
C SER A 225 4.50 -16.25 -20.85
N ILE A 226 4.73 -14.98 -21.15
CA ILE A 226 4.63 -13.93 -20.14
C ILE A 226 3.63 -12.90 -20.63
N THR A 227 2.44 -12.93 -20.05
CA THR A 227 1.36 -12.02 -20.42
C THR A 227 1.04 -10.94 -19.39
N PRO A 228 1.14 -9.65 -19.78
CA PRO A 228 0.82 -8.62 -18.80
C PRO A 228 -0.70 -8.46 -18.84
N ILE A 229 -1.36 -8.62 -17.70
CA ILE A 229 -2.82 -8.48 -17.63
C ILE A 229 -3.20 -7.55 -16.48
N HIS A 230 -4.37 -6.94 -16.59
CA HIS A 230 -4.86 -6.03 -15.56
C HIS A 230 -6.36 -6.26 -15.35
N PRO A 231 -6.92 -5.76 -14.24
CA PRO A 231 -8.34 -5.93 -13.92
C PRO A 231 -9.30 -4.98 -14.66
N PHE A 232 -9.25 -4.98 -15.99
CA PHE A 232 -10.12 -4.13 -16.81
C PHE A 232 -10.67 -4.97 -17.94
N LEU A 233 -11.99 -5.17 -17.94
CA LEU A 233 -12.65 -5.98 -18.96
C LEU A 233 -13.43 -5.28 -20.07
N THR A 234 -13.36 -3.96 -20.13
CA THR A 234 -14.08 -3.22 -21.16
C THR A 234 -13.63 -3.61 -22.57
N ASN A 235 -14.61 -3.79 -23.46
CA ASN A 235 -14.32 -4.13 -24.85
C ASN A 235 -14.43 -2.76 -25.52
N GLU A 236 -13.30 -2.08 -25.64
CA GLU A 236 -13.26 -0.76 -26.26
C GLU A 236 -13.83 -0.71 -27.66
N GLN A 237 -13.36 -1.60 -28.53
CA GLN A 237 -13.83 -1.65 -29.90
C GLN A 237 -15.36 -1.64 -29.94
N CYS A 238 -15.98 -2.53 -29.17
CA CYS A 238 -17.43 -2.62 -29.12
C CYS A 238 -18.05 -1.36 -28.52
N LEU A 239 -17.43 -0.83 -27.47
CA LEU A 239 -17.93 0.38 -26.83
C LEU A 239 -18.02 1.52 -27.85
N LYS A 240 -16.94 1.72 -28.60
CA LYS A 240 -16.87 2.77 -29.62
C LYS A 240 -17.98 2.64 -30.65
N LYS A 241 -18.30 1.40 -31.03
CA LYS A 241 -19.35 1.16 -32.02
C LYS A 241 -20.75 1.40 -31.46
N LEU A 242 -20.98 1.01 -30.22
CA LEU A 242 -22.29 1.21 -29.59
C LEU A 242 -22.65 2.68 -29.45
N ARG A 243 -21.62 3.51 -29.29
CA ARG A 243 -21.82 4.94 -29.13
C ARG A 243 -22.10 5.62 -30.48
N GLU A 244 -21.27 5.32 -31.47
CA GLU A 244 -21.44 5.92 -32.79
C GLU A 244 -22.74 5.44 -33.43
N VAL A 245 -23.52 4.67 -32.68
CA VAL A 245 -24.79 4.16 -33.18
C VAL A 245 -26.00 4.73 -32.45
N TYR A 246 -25.89 4.90 -31.13
CA TYR A 246 -27.01 5.45 -30.35
C TYR A 246 -26.81 6.90 -29.93
N ASP A 247 -26.31 7.09 -28.71
CA ASP A 247 -26.06 8.42 -28.17
C ASP A 247 -25.31 9.31 -29.15
N MET B 1 -13.06 2.36 10.20
CA MET B 1 -11.61 2.65 10.29
C MET B 1 -11.27 3.29 11.65
N ARG B 2 -10.33 2.67 12.37
CA ARG B 2 -9.92 3.19 13.68
C ARG B 2 -8.89 4.28 13.40
N ILE B 3 -9.31 5.52 13.61
CA ILE B 3 -8.43 6.66 13.37
C ILE B 3 -7.92 7.36 14.63
N LEU B 4 -6.63 7.63 14.66
CA LEU B 4 -6.01 8.31 15.80
C LEU B 4 -5.78 9.74 15.35
N VAL B 5 -6.21 10.69 16.16
CA VAL B 5 -6.04 12.09 15.84
C VAL B 5 -5.23 12.82 16.92
N THR B 6 -4.23 13.59 16.50
CA THR B 6 -3.38 14.36 17.41
C THR B 6 -3.02 15.68 16.75
N ASN B 7 -2.16 16.47 17.41
CA ASN B 7 -1.74 17.77 16.88
C ASN B 7 -0.61 18.32 17.74
N ASP B 8 -0.22 19.57 17.52
CA ASP B 8 0.85 20.18 18.30
C ASP B 8 0.39 21.48 18.96
N ASP B 9 -0.90 21.80 18.80
CA ASP B 9 -1.46 23.01 19.38
C ASP B 9 -2.21 22.75 20.69
N GLY B 10 -2.37 21.49 21.07
CA GLY B 10 -3.08 21.18 22.29
C GLY B 10 -4.46 20.62 22.00
N ILE B 11 -4.92 19.70 22.85
CA ILE B 11 -6.22 19.09 22.65
C ILE B 11 -7.40 20.07 22.64
N GLN B 12 -7.16 21.30 23.07
CA GLN B 12 -8.22 22.30 23.10
C GLN B 12 -8.26 23.15 21.83
N SER B 13 -7.32 22.92 20.93
CA SER B 13 -7.25 23.67 19.69
C SER B 13 -8.49 23.43 18.82
N LYS B 14 -8.98 24.49 18.21
CA LYS B 14 -10.16 24.39 17.35
C LYS B 14 -9.81 23.49 16.17
N GLY B 15 -8.55 23.57 15.73
CA GLY B 15 -8.09 22.79 14.61
C GLY B 15 -8.24 21.28 14.77
N ILE B 16 -8.01 20.77 15.98
CA ILE B 16 -8.13 19.33 16.21
C ILE B 16 -9.58 18.91 16.49
N ILE B 17 -10.33 19.78 17.16
CA ILE B 17 -11.72 19.47 17.49
C ILE B 17 -12.55 19.31 16.21
N VAL B 18 -12.50 20.31 15.34
CA VAL B 18 -13.26 20.27 14.09
C VAL B 18 -12.92 19.00 13.33
N LEU B 19 -11.63 18.69 13.24
CA LEU B 19 -11.16 17.50 12.54
C LEU B 19 -11.69 16.20 13.14
N ALA B 20 -11.58 16.06 14.46
CA ALA B 20 -12.06 14.86 15.13
C ALA B 20 -13.56 14.68 14.97
N GLU B 21 -14.31 15.77 15.09
CA GLU B 21 -15.76 15.72 14.97
C GLU B 21 -16.20 15.23 13.59
N LEU B 22 -15.63 15.81 12.54
CA LEU B 22 -15.98 15.40 11.18
C LEU B 22 -15.63 13.94 10.90
N LEU B 23 -14.42 13.53 11.28
CA LEU B 23 -13.99 12.16 11.04
C LEU B 23 -14.83 11.12 11.79
N SER B 24 -15.50 11.54 12.85
CA SER B 24 -16.33 10.64 13.65
C SER B 24 -17.67 10.34 12.99
N GLU B 25 -18.07 11.19 12.05
CA GLU B 25 -19.33 11.00 11.34
C GLU B 25 -19.40 9.66 10.62
N GLU B 26 -18.26 8.96 10.54
CA GLU B 26 -18.22 7.67 9.88
C GLU B 26 -16.95 6.85 10.17
N HIS B 27 -16.27 7.17 11.27
CA HIS B 27 -15.06 6.46 11.65
C HIS B 27 -14.90 6.39 13.17
N GLU B 28 -14.23 5.35 13.66
CA GLU B 28 -14.02 5.20 15.10
C GLU B 28 -12.81 6.07 15.43
N VAL B 29 -13.08 7.25 15.96
CA VAL B 29 -12.04 8.21 16.33
C VAL B 29 -11.56 8.29 17.77
N PHE B 30 -10.24 8.40 17.91
CA PHE B 30 -9.58 8.50 19.21
C PHE B 30 -8.67 9.73 19.11
N VAL B 31 -8.75 10.61 20.09
CA VAL B 31 -7.94 11.81 20.10
C VAL B 31 -6.98 11.81 21.28
N VAL B 32 -5.69 11.84 20.99
CA VAL B 32 -4.66 11.85 22.04
C VAL B 32 -3.73 12.99 21.64
N ALA B 33 -3.89 14.12 22.31
CA ALA B 33 -3.08 15.30 22.02
C ALA B 33 -2.41 15.90 23.25
N PRO B 34 -1.47 16.82 23.03
CA PRO B 34 -0.75 17.49 24.12
C PRO B 34 -1.68 18.35 24.98
N ASP B 35 -1.31 18.56 26.24
CA ASP B 35 -2.12 19.37 27.13
C ASP B 35 -1.62 20.81 27.10
N LYS B 36 -0.64 21.08 26.26
CA LYS B 36 -0.08 22.42 26.15
C LYS B 36 0.47 22.70 24.76
N GLU B 37 0.84 23.97 24.52
CA GLU B 37 1.39 24.39 23.25
C GLU B 37 2.63 23.56 22.96
N ARG B 38 2.70 22.99 21.77
CA ARG B 38 3.85 22.18 21.39
C ARG B 38 4.36 22.51 19.99
N SER B 39 4.01 23.69 19.50
CA SER B 39 4.45 24.11 18.18
C SER B 39 5.97 24.28 18.21
N ALA B 40 6.63 23.88 17.13
CA ALA B 40 8.08 23.99 17.02
C ALA B 40 8.86 23.04 17.93
N THR B 41 8.23 21.95 18.35
CA THR B 41 8.92 20.99 19.21
C THR B 41 9.56 19.87 18.39
N GLY B 42 9.40 19.96 17.07
CA GLY B 42 9.97 18.95 16.19
C GLY B 42 9.56 17.54 16.57
N HIS B 43 10.51 16.61 16.51
CA HIS B 43 10.22 15.23 16.85
C HIS B 43 10.75 14.84 18.23
N SER B 44 10.67 15.75 19.19
CA SER B 44 11.14 15.42 20.52
C SER B 44 10.20 14.42 21.16
N ILE B 45 10.74 13.60 22.06
CA ILE B 45 9.98 12.59 22.77
C ILE B 45 10.43 12.64 24.23
N THR B 46 9.59 12.11 25.12
CA THR B 46 9.88 12.10 26.55
C THR B 46 10.42 10.77 27.04
N ILE B 47 11.72 10.75 27.35
CA ILE B 47 12.37 9.54 27.83
C ILE B 47 12.99 9.65 29.23
N HIS B 48 13.31 10.87 29.65
CA HIS B 48 13.91 11.10 30.96
C HIS B 48 12.95 11.16 32.16
N VAL B 49 11.68 11.44 31.90
CA VAL B 49 10.70 11.52 32.97
C VAL B 49 9.43 10.80 32.53
N PRO B 50 8.54 10.50 33.49
CA PRO B 50 7.28 9.81 33.19
C PRO B 50 6.32 10.65 32.35
N LEU B 51 5.38 9.96 31.70
CA LEU B 51 4.38 10.60 30.86
C LEU B 51 3.05 10.43 31.59
N TRP B 52 2.19 11.45 31.51
CA TRP B 52 0.89 11.39 32.18
C TRP B 52 -0.22 11.61 31.18
N MET B 53 -1.39 11.02 31.46
CA MET B 53 -2.54 11.15 30.57
C MET B 53 -3.77 11.61 31.37
N LYS B 54 -4.71 12.22 30.68
CA LYS B 54 -5.93 12.71 31.32
C LYS B 54 -7.13 12.57 30.38
N LYS B 55 -8.19 11.91 30.84
CA LYS B 55 -9.38 11.72 30.03
C LYS B 55 -10.02 13.09 29.81
N VAL B 56 -10.35 13.39 28.57
CA VAL B 56 -10.97 14.67 28.23
C VAL B 56 -12.23 14.46 27.41
N PHE B 57 -13.09 15.47 27.38
CA PHE B 57 -14.33 15.40 26.63
C PHE B 57 -14.33 16.34 25.43
N ILE B 58 -14.82 15.86 24.30
CA ILE B 58 -14.90 16.65 23.07
C ILE B 58 -16.15 16.25 22.29
N SER B 59 -16.46 14.95 22.31
CA SER B 59 -17.62 14.42 21.62
C SER B 59 -18.15 13.20 22.37
N GLU B 60 -19.40 12.82 22.10
CA GLU B 60 -19.99 11.66 22.76
C GLU B 60 -19.62 10.36 22.08
N ARG B 61 -18.99 10.46 20.90
CA ARG B 61 -18.58 9.28 20.16
C ARG B 61 -17.06 9.20 20.06
N VAL B 62 -16.40 10.32 20.32
CA VAL B 62 -14.95 10.37 20.26
C VAL B 62 -14.28 10.20 21.62
N VAL B 63 -13.37 9.24 21.70
CA VAL B 63 -12.64 8.95 22.94
C VAL B 63 -11.45 9.90 22.90
N ALA B 64 -11.33 10.77 23.91
CA ALA B 64 -10.23 11.72 23.95
C ALA B 64 -9.38 11.72 25.23
N TYR B 65 -8.09 11.99 25.04
CA TYR B 65 -7.13 12.05 26.13
C TYR B 65 -6.04 13.08 25.84
N SER B 66 -5.66 13.86 26.84
CA SER B 66 -4.61 14.86 26.66
C SER B 66 -3.43 14.19 27.35
N THR B 67 -2.22 14.63 27.07
CA THR B 67 -1.06 14.03 27.72
C THR B 67 -0.05 15.12 27.96
N THR B 68 0.90 14.86 28.85
CA THR B 68 1.93 15.81 29.18
C THR B 68 3.11 15.71 28.20
N GLY B 69 2.94 14.89 27.17
CA GLY B 69 4.01 14.72 26.20
C GLY B 69 3.89 15.49 24.89
N THR B 70 4.84 15.22 23.99
CA THR B 70 4.93 15.84 22.68
C THR B 70 4.00 15.12 21.68
N PRO B 71 3.85 15.68 20.46
CA PRO B 71 2.98 15.00 19.48
C PRO B 71 3.41 13.55 19.29
N ALA B 72 4.73 13.32 19.22
CA ALA B 72 5.26 11.98 19.04
C ALA B 72 4.90 11.09 20.23
N ASP B 73 5.04 11.62 21.45
CA ASP B 73 4.72 10.85 22.65
C ASP B 73 3.25 10.44 22.59
N CYS B 74 2.41 11.37 22.16
CA CYS B 74 0.98 11.13 22.03
C CYS B 74 0.66 9.93 21.16
N VAL B 75 1.38 9.80 20.05
CA VAL B 75 1.16 8.69 19.14
C VAL B 75 1.59 7.37 19.76
N LYS B 76 2.71 7.37 20.46
CA LYS B 76 3.22 6.17 21.10
C LYS B 76 2.24 5.73 22.19
N LEU B 77 1.75 6.70 22.97
CA LEU B 77 0.81 6.41 24.04
C LEU B 77 -0.51 5.90 23.43
N ALA B 78 -1.06 6.67 22.50
CA ALA B 78 -2.31 6.32 21.85
C ALA B 78 -2.31 4.88 21.36
N TYR B 79 -1.27 4.53 20.60
CA TYR B 79 -1.11 3.19 20.05
C TYR B 79 -0.97 2.08 21.09
N ASN B 80 -0.08 2.27 22.06
CA ASN B 80 0.14 1.25 23.08
C ASN B 80 -0.84 1.13 24.24
N VAL B 81 -1.44 2.22 24.70
CA VAL B 81 -2.36 2.12 25.81
C VAL B 81 -3.81 2.54 25.57
N VAL B 82 -4.09 3.16 24.43
CA VAL B 82 -5.46 3.58 24.17
C VAL B 82 -6.17 2.82 23.07
N MET B 83 -5.47 2.47 21.99
CA MET B 83 -6.09 1.75 20.88
C MET B 83 -5.67 0.30 20.68
N ASP B 84 -5.23 -0.35 21.76
CA ASP B 84 -4.79 -1.74 21.72
C ASP B 84 -3.99 -2.12 20.48
N LYS B 85 -3.07 -1.25 20.08
CA LYS B 85 -2.24 -1.49 18.90
C LYS B 85 -3.01 -1.68 17.60
N ARG B 86 -4.23 -1.19 17.55
CA ARG B 86 -5.05 -1.30 16.35
C ARG B 86 -5.35 0.09 15.83
N VAL B 87 -4.54 0.54 14.88
CA VAL B 87 -4.71 1.86 14.28
C VAL B 87 -4.63 1.72 12.77
N ASP B 88 -5.65 2.22 12.07
CA ASP B 88 -5.67 2.14 10.62
C ASP B 88 -5.15 3.42 10.00
N LEU B 89 -5.38 4.54 10.69
CA LEU B 89 -4.92 5.83 10.20
C LEU B 89 -4.64 6.83 11.31
N ILE B 90 -3.60 7.63 11.10
CA ILE B 90 -3.20 8.65 12.05
C ILE B 90 -3.24 9.97 11.31
N VAL B 91 -3.93 10.96 11.86
CA VAL B 91 -4.04 12.27 11.26
C VAL B 91 -3.62 13.29 12.32
N SER B 92 -2.65 14.13 12.00
CA SER B 92 -2.16 15.14 12.94
C SER B 92 -2.48 16.53 12.42
N GLY B 93 -3.27 17.27 13.18
CA GLY B 93 -3.67 18.61 12.81
C GLY B 93 -5.08 18.88 13.33
N VAL B 94 -5.81 19.84 12.75
CA VAL B 94 -5.34 20.65 11.63
C VAL B 94 -4.50 21.77 12.21
N ASN B 95 -3.28 21.94 11.72
CA ASN B 95 -2.40 22.99 12.21
C ASN B 95 -2.75 24.38 11.74
N ARG B 96 -2.45 25.37 12.60
CA ARG B 96 -2.72 26.74 12.26
C ARG B 96 -1.39 27.21 11.69
N GLY B 97 -1.34 27.37 10.37
CA GLY B 97 -0.11 27.80 9.73
C GLY B 97 0.44 26.69 8.86
N PRO B 98 1.28 27.03 7.88
CA PRO B 98 1.88 26.06 6.97
C PRO B 98 3.04 25.23 7.53
N ASN B 99 3.33 24.14 6.82
CA ASN B 99 4.40 23.23 7.18
C ASN B 99 4.95 22.72 5.86
N MET B 100 5.82 23.54 5.26
CA MET B 100 6.44 23.21 3.99
C MET B 100 7.94 23.44 4.00
N GLY B 101 8.63 22.84 3.03
CA GLY B 101 10.07 22.99 2.96
C GLY B 101 10.77 22.34 4.15
N MET B 102 11.94 22.89 4.48
CA MET B 102 12.74 22.40 5.58
C MET B 102 12.11 22.61 6.95
N ASP B 103 11.14 23.52 7.02
CA ASP B 103 10.48 23.79 8.29
C ASP B 103 9.76 22.56 8.83
N ILE B 104 9.48 21.58 7.98
CA ILE B 104 8.78 20.40 8.47
C ILE B 104 9.59 19.65 9.52
N LEU B 105 10.90 19.83 9.51
CA LEU B 105 11.75 19.15 10.49
C LEU B 105 11.51 19.62 11.92
N HIS B 106 11.10 20.87 12.12
CA HIS B 106 10.85 21.30 13.49
C HIS B 106 9.37 21.40 13.79
N SER B 107 8.54 20.96 12.83
CA SER B 107 7.08 21.00 12.97
C SER B 107 6.58 19.91 13.91
N GLY B 108 5.81 20.30 14.91
CA GLY B 108 5.29 19.32 15.84
C GLY B 108 4.17 18.54 15.14
N THR B 109 3.41 19.23 14.30
CA THR B 109 2.31 18.61 13.57
C THR B 109 2.82 17.47 12.72
N VAL B 110 3.85 17.77 11.94
CA VAL B 110 4.46 16.79 11.06
C VAL B 110 5.05 15.62 11.85
N SER B 111 5.73 15.92 12.96
CA SER B 111 6.32 14.87 13.76
C SER B 111 5.29 13.91 14.32
N GLY B 112 4.09 14.39 14.59
CA GLY B 112 3.09 13.48 15.11
C GLY B 112 2.83 12.42 14.04
N ALA B 113 2.63 12.88 12.81
CA ALA B 113 2.40 11.98 11.69
C ALA B 113 3.63 11.14 11.37
N MET B 114 4.81 11.77 11.46
CA MET B 114 6.06 11.07 11.17
C MET B 114 6.30 9.92 12.15
N GLU B 115 5.82 10.06 13.37
CA GLU B 115 6.00 9.00 14.36
C GLU B 115 5.17 7.81 13.86
N GLY B 116 4.00 8.12 13.33
CA GLY B 116 3.12 7.07 12.82
C GLY B 116 3.82 6.37 11.66
N ALA B 117 4.49 7.14 10.81
CA ALA B 117 5.20 6.58 9.67
C ALA B 117 6.31 5.66 10.18
N MET B 118 7.05 6.11 11.19
CA MET B 118 8.13 5.32 11.77
C MET B 118 7.61 3.98 12.28
N MET B 119 6.37 3.99 12.78
CA MET B 119 5.72 2.81 13.31
C MET B 119 5.02 2.04 12.17
N ASN B 120 5.19 2.56 10.96
CA ASN B 120 4.61 1.99 9.75
C ASN B 120 3.08 1.94 9.79
N ILE B 121 2.47 3.07 10.15
CA ILE B 121 1.03 3.19 10.22
C ILE B 121 0.67 4.31 9.25
N PRO B 122 -0.28 4.07 8.33
CA PRO B 122 -0.64 5.14 7.39
C PRO B 122 -0.86 6.43 8.19
N SER B 123 -0.16 7.49 7.81
CA SER B 123 -0.32 8.75 8.53
C SER B 123 -0.39 9.97 7.65
N ILE B 124 -1.06 10.99 8.17
CA ILE B 124 -1.25 12.26 7.49
C ILE B 124 -1.09 13.45 8.42
N ALA B 125 -0.36 14.46 7.95
CA ALA B 125 -0.16 15.67 8.72
C ALA B 125 -0.92 16.66 7.84
N ILE B 126 -1.81 17.46 8.44
CA ILE B 126 -2.57 18.42 7.66
C ILE B 126 -2.51 19.79 8.33
N SER B 127 -2.22 20.81 7.52
CA SER B 127 -2.11 22.19 8.02
C SER B 127 -2.84 23.21 7.14
N SER B 128 -3.35 24.27 7.77
CA SER B 128 -4.05 25.32 7.04
C SER B 128 -2.94 26.33 6.73
N ALA B 129 -2.65 26.50 5.45
CA ALA B 129 -1.61 27.41 4.98
C ALA B 129 -1.62 28.89 5.35
N ASN B 130 -2.58 29.34 6.15
CA ASN B 130 -2.63 30.75 6.54
C ASN B 130 -2.70 30.85 8.05
N TYR B 131 -1.62 31.32 8.67
CA TYR B 131 -1.57 31.46 10.11
C TYR B 131 -2.57 32.46 10.68
N GLU B 132 -2.55 33.69 10.33
CA GLU B 132 -3.49 34.78 10.51
C GLU B 132 -4.87 34.41 9.96
N SER B 133 -5.36 33.98 8.21
CA SER B 133 -6.77 33.59 8.29
C SER B 133 -6.89 32.08 8.09
N PRO B 134 -6.72 31.32 9.16
CA PRO B 134 -6.81 29.86 9.07
C PRO B 134 -8.21 29.43 8.70
N ASP B 135 -8.33 28.19 8.23
CA ASP B 135 -9.62 27.63 7.84
C ASP B 135 -9.65 26.15 8.23
N PHE B 136 -9.78 25.89 9.53
CA PHE B 136 -9.83 24.55 10.06
C PHE B 136 -10.92 23.68 9.41
N GLU B 137 -12.14 24.20 9.34
CA GLU B 137 -13.23 23.44 8.73
C GLU B 137 -12.95 23.12 7.27
N GLY B 138 -12.41 24.09 6.55
CA GLY B 138 -12.10 23.89 5.15
C GLY B 138 -11.09 22.78 4.97
N ALA B 139 -10.01 22.84 5.76
CA ALA B 139 -8.96 21.84 5.69
C ALA B 139 -9.49 20.45 6.04
N ALA B 140 -10.30 20.38 7.09
CA ALA B 140 -10.88 19.12 7.51
C ALA B 140 -11.81 18.56 6.45
N ARG B 141 -12.67 19.42 5.90
CA ARG B 141 -13.61 19.01 4.88
C ARG B 141 -12.87 18.49 3.65
N PHE B 142 -11.73 19.09 3.33
CA PHE B 142 -10.95 18.65 2.19
C PHE B 142 -10.47 17.23 2.43
N LEU B 143 -9.97 16.99 3.64
CA LEU B 143 -9.46 15.68 4.00
C LEU B 143 -10.53 14.60 3.90
N ILE B 144 -11.74 14.89 4.37
CA ILE B 144 -12.82 13.92 4.30
C ILE B 144 -13.10 13.55 2.85
N ASP B 145 -13.09 14.55 1.98
CA ASP B 145 -13.34 14.33 0.55
C ASP B 145 -12.15 13.59 -0.06
N PHE B 146 -10.94 13.96 0.35
CA PHE B 146 -9.72 13.34 -0.16
C PHE B 146 -9.66 11.85 0.16
N LEU B 147 -10.03 11.47 1.38
CA LEU B 147 -10.01 10.07 1.79
C LEU B 147 -10.84 9.16 0.87
N LYS B 148 -11.95 9.69 0.37
CA LYS B 148 -12.82 8.91 -0.52
C LYS B 148 -12.19 8.76 -1.90
N GLU B 149 -11.13 9.52 -2.14
CA GLU B 149 -10.45 9.47 -3.43
C GLU B 149 -8.99 9.04 -3.36
N PHE B 150 -8.53 8.62 -2.19
CA PHE B 150 -7.13 8.21 -2.08
C PHE B 150 -6.95 6.71 -1.82
N ASP B 151 -6.07 6.08 -2.60
CA ASP B 151 -5.77 4.66 -2.47
C ASP B 151 -4.58 4.49 -1.53
N PHE B 152 -4.84 4.06 -0.30
CA PHE B 152 -3.75 3.88 0.66
C PHE B 152 -2.73 2.82 0.32
N SER B 153 -3.00 1.97 -0.66
CA SER B 153 -2.03 0.95 -1.01
C SER B 153 -0.88 1.64 -1.75
N LEU B 154 -1.13 2.85 -2.23
CA LEU B 154 -0.10 3.61 -2.95
C LEU B 154 0.80 4.38 -1.98
N LEU B 155 0.46 4.36 -0.69
CA LEU B 155 1.26 5.05 0.32
C LEU B 155 2.22 3.99 0.84
N ASP B 156 3.47 4.06 0.38
CA ASP B 156 4.53 3.13 0.76
C ASP B 156 4.69 2.94 2.27
N PRO B 157 5.33 1.83 2.67
CA PRO B 157 5.53 1.61 4.11
C PRO B 157 6.42 2.72 4.68
N PHE B 158 6.24 3.04 5.96
CA PHE B 158 7.01 4.08 6.63
C PHE B 158 6.86 5.43 5.95
N THR B 159 5.77 5.63 5.21
CA THR B 159 5.58 6.89 4.53
C THR B 159 4.31 7.59 5.00
N MET B 160 4.34 8.93 4.97
CA MET B 160 3.19 9.72 5.39
C MET B 160 2.93 10.82 4.37
N LEU B 161 1.77 11.44 4.46
CA LEU B 161 1.41 12.52 3.55
C LEU B 161 1.43 13.84 4.32
N ASN B 162 2.22 14.80 3.86
CA ASN B 162 2.30 16.11 4.51
C ASN B 162 1.38 16.97 3.67
N ILE B 163 0.24 17.34 4.22
CA ILE B 163 -0.73 18.15 3.50
C ILE B 163 -0.92 19.60 3.92
N ASN B 164 -0.87 20.50 2.94
CA ASN B 164 -1.04 21.93 3.20
C ASN B 164 -2.21 22.44 2.37
N VAL B 165 -3.27 22.85 3.06
CA VAL B 165 -4.48 23.36 2.44
C VAL B 165 -4.48 24.88 2.39
N PRO B 166 -4.58 25.47 1.19
CA PRO B 166 -4.59 26.93 1.14
C PRO B 166 -5.87 27.47 1.75
N ALA B 167 -5.78 28.67 2.33
CA ALA B 167 -6.96 29.27 2.94
C ALA B 167 -7.76 29.91 1.82
N GLY B 168 -9.08 29.85 1.93
CA GLY B 168 -9.90 30.44 0.89
C GLY B 168 -10.53 29.38 0.01
N GLU B 169 -10.42 29.56 -1.31
CA GLU B 169 -10.98 28.59 -2.24
C GLU B 169 -9.95 27.60 -2.74
N ILE B 170 -10.31 26.33 -2.73
CA ILE B 170 -9.44 25.26 -3.19
C ILE B 170 -9.71 24.97 -4.66
N LYS B 171 -8.71 25.18 -5.52
CA LYS B 171 -8.87 24.93 -6.94
C LYS B 171 -8.71 23.45 -7.26
N GLY B 172 -7.95 22.76 -6.42
CA GLY B 172 -7.70 21.34 -6.59
C GLY B 172 -6.53 20.94 -5.73
N TRP B 173 -5.96 19.77 -6.00
CA TRP B 173 -4.82 19.32 -5.22
C TRP B 173 -3.74 18.74 -6.12
N ARG B 174 -2.51 18.73 -5.62
CA ARG B 174 -1.37 18.21 -6.36
C ARG B 174 -0.42 17.42 -5.48
N PHE B 175 0.16 16.37 -6.05
CA PHE B 175 1.10 15.55 -5.32
C PHE B 175 2.42 16.27 -5.56
N THR B 176 2.96 16.86 -4.51
CA THR B 176 4.20 17.62 -4.58
C THR B 176 5.40 16.97 -3.90
N ARG B 177 6.56 17.57 -4.11
CA ARG B 177 7.79 17.09 -3.52
C ARG B 177 8.14 18.20 -2.51
N GLN B 178 8.92 17.87 -1.49
CA GLN B 178 9.29 18.87 -0.51
C GLN B 178 10.17 19.92 -1.18
N SER B 179 9.94 21.18 -0.86
CA SER B 179 10.73 22.26 -1.44
C SER B 179 11.88 22.52 -0.49
N ARG B 180 12.74 23.47 -0.84
CA ARG B 180 13.87 23.81 0.01
C ARG B 180 13.54 25.15 0.69
N ARG B 181 12.25 25.45 0.78
CA ARG B 181 11.81 26.69 1.41
C ARG B 181 12.40 26.65 2.81
N ARG B 182 12.99 27.75 3.25
CA ARG B 182 13.60 27.81 4.56
C ARG B 182 13.67 29.24 5.04
N TRP B 183 14.29 29.46 6.19
CA TRP B 183 14.38 30.83 6.70
C TRP B 183 15.78 31.32 7.02
N ASN B 184 15.96 32.62 6.86
CA ASN B 184 17.24 33.24 7.15
C ASN B 184 16.92 33.85 8.51
N ASP B 185 17.14 33.07 9.56
CA ASP B 185 16.88 33.54 10.91
C ASP B 185 17.94 34.49 11.41
N TYR B 186 17.56 35.29 12.40
CA TYR B 186 18.44 36.26 13.02
C TYR B 186 17.77 36.62 14.34
N PHE B 187 18.42 37.43 15.16
CA PHE B 187 17.82 37.80 16.44
C PHE B 187 17.81 39.28 16.75
N GLU B 188 16.78 39.70 17.48
CA GLU B 188 16.66 41.09 17.88
C GLU B 188 17.19 41.03 19.30
N GLU B 189 18.13 41.91 19.62
CA GLU B 189 18.71 41.93 20.95
C GLU B 189 17.94 42.91 21.84
N ARG B 190 17.74 42.54 23.09
CA ARG B 190 17.03 43.38 24.05
C ARG B 190 17.67 43.20 25.41
N VAL B 191 17.32 44.08 26.34
CA VAL B 191 17.88 44.00 27.68
C VAL B 191 16.77 43.88 28.72
N SER B 192 16.96 42.97 29.67
CA SER B 192 15.99 42.75 30.72
C SER B 192 16.04 43.85 31.78
N PRO B 193 15.14 43.79 32.77
CA PRO B 193 15.14 44.81 33.82
C PRO B 193 16.43 44.73 34.63
N PHE B 194 16.91 43.50 34.84
CA PHE B 194 18.14 43.30 35.60
C PHE B 194 19.43 43.49 34.79
N GLY B 195 19.32 44.18 33.66
CA GLY B 195 20.48 44.42 32.83
C GLY B 195 21.03 43.34 31.92
N GLU B 196 20.46 42.13 31.96
CA GLU B 196 20.95 41.05 31.11
C GLU B 196 20.23 41.05 29.77
N LYS B 197 20.98 40.90 28.69
CA LYS B 197 20.39 40.88 27.37
C LYS B 197 19.78 39.54 27.01
N TYR B 198 18.79 39.56 26.14
CA TYR B 198 18.13 38.34 25.70
C TYR B 198 17.86 38.45 24.21
N TYR B 199 17.58 37.32 23.58
CA TYR B 199 17.32 37.32 22.14
C TYR B 199 15.99 36.74 21.68
N TRP B 200 15.37 37.44 20.73
CA TRP B 200 14.10 37.03 20.15
C TRP B 200 14.38 36.52 18.75
N MET B 201 14.00 35.28 18.48
CA MET B 201 14.25 34.70 17.16
C MET B 201 13.27 35.25 16.13
N MET B 202 13.82 35.73 15.02
CA MET B 202 13.03 36.29 13.93
C MET B 202 13.66 35.76 12.64
N GLY B 203 13.10 36.14 11.49
CA GLY B 203 13.66 35.68 10.24
C GLY B 203 12.86 36.01 8.99
N GLU B 204 13.55 35.98 7.85
CA GLU B 204 12.93 36.28 6.57
C GLU B 204 12.92 34.96 5.78
N VAL B 205 11.81 34.67 5.13
CA VAL B 205 11.69 33.44 4.37
C VAL B 205 12.51 33.45 3.08
N ILE B 206 12.98 32.27 2.69
CA ILE B 206 13.76 32.12 1.48
C ILE B 206 13.01 31.16 0.57
N GLU B 207 12.60 31.65 -0.59
CA GLU B 207 11.88 30.84 -1.56
C GLU B 207 12.67 30.96 -2.84
N ASP B 208 13.54 29.98 -3.08
CA ASP B 208 14.38 29.98 -4.27
C ASP B 208 14.38 28.65 -5.01
N ASP B 209 13.29 27.89 -4.88
CA ASP B 209 13.18 26.59 -5.54
C ASP B 209 12.94 26.85 -7.03
N ASP B 210 13.72 26.21 -7.89
CA ASP B 210 13.54 26.42 -9.32
C ASP B 210 12.55 25.40 -9.88
N ARG B 211 12.33 24.33 -9.14
CA ARG B 211 11.41 23.28 -9.55
C ARG B 211 9.98 23.79 -9.41
N ASP B 212 9.09 23.39 -10.31
CA ASP B 212 7.71 23.85 -10.25
C ASP B 212 6.77 22.95 -9.45
N ASP B 213 7.19 21.72 -9.18
CA ASP B 213 6.36 20.79 -8.44
C ASP B 213 6.60 20.72 -6.92
N VAL B 214 7.11 21.80 -6.35
CA VAL B 214 7.38 21.82 -4.92
C VAL B 214 6.15 22.30 -4.16
N ASP B 215 6.04 21.92 -2.90
CA ASP B 215 4.91 22.28 -2.06
C ASP B 215 4.38 23.71 -2.03
N TYR B 216 5.20 24.69 -1.66
CA TYR B 216 4.72 26.07 -1.60
C TYR B 216 4.20 26.69 -2.89
N LYS B 217 4.71 26.26 -4.03
CA LYS B 217 4.25 26.82 -5.29
C LYS B 217 2.82 26.38 -5.57
N ALA B 218 2.49 25.14 -5.21
CA ALA B 218 1.15 24.63 -5.43
C ALA B 218 0.18 25.40 -4.53
N VAL B 219 0.59 25.61 -3.28
CA VAL B 219 -0.24 26.33 -2.32
C VAL B 219 -0.48 27.76 -2.77
N ARG B 220 0.57 28.42 -3.25
CA ARG B 220 0.47 29.81 -3.72
C ARG B 220 -0.58 29.91 -4.83
N GLU B 221 -0.65 28.87 -5.66
CA GLU B 221 -1.59 28.84 -6.77
C GLU B 221 -3.02 28.46 -6.36
N GLY B 222 -3.24 28.26 -5.07
CA GLY B 222 -4.57 27.88 -4.62
C GLY B 222 -4.85 26.40 -4.69
N TYR B 223 -3.78 25.60 -4.71
CA TYR B 223 -3.94 24.15 -4.76
C TYR B 223 -3.43 23.52 -3.48
N VAL B 224 -4.06 22.44 -3.06
CA VAL B 224 -3.65 21.74 -1.85
C VAL B 224 -2.36 21.01 -2.20
N SER B 225 -1.36 21.11 -1.34
CA SER B 225 -0.08 20.44 -1.58
C SER B 225 -0.07 19.13 -0.80
N ILE B 226 0.22 18.04 -1.48
CA ILE B 226 0.26 16.73 -0.84
C ILE B 226 1.61 16.09 -1.15
N THR B 227 2.46 16.03 -0.13
CA THR B 227 3.80 15.45 -0.26
C THR B 227 4.01 14.15 0.48
N PRO B 228 4.44 13.10 -0.23
CA PRO B 228 4.67 11.84 0.50
C PRO B 228 6.09 11.92 1.07
N ILE B 229 6.21 11.87 2.40
CA ILE B 229 7.53 11.93 3.03
C ILE B 229 7.74 10.75 3.97
N HIS B 230 8.99 10.43 4.25
CA HIS B 230 9.33 9.33 5.13
C HIS B 230 10.57 9.66 5.96
N PRO B 231 10.80 8.90 7.05
CA PRO B 231 11.95 9.12 7.94
C PRO B 231 13.29 8.55 7.44
N PHE B 232 13.63 8.86 6.20
CA PHE B 232 14.90 8.39 5.62
C PHE B 232 15.56 9.62 5.04
N LEU B 233 16.65 10.05 5.67
CA LEU B 233 17.36 11.25 5.23
C LEU B 233 18.67 11.11 4.44
N THR B 234 19.01 9.93 3.96
CA THR B 234 20.26 9.78 3.21
C THR B 234 20.26 10.58 1.91
N ASN B 235 21.36 11.27 1.63
CA ASN B 235 21.46 12.05 0.40
C ASN B 235 22.11 11.05 -0.56
N GLU B 236 21.29 10.24 -1.24
CA GLU B 236 21.79 9.24 -2.17
C GLU B 236 22.76 9.77 -3.22
N GLN B 237 22.44 10.92 -3.79
CA GLN B 237 23.29 11.53 -4.80
C GLN B 237 24.69 11.77 -4.24
N CYS B 238 24.75 12.33 -3.02
CA CYS B 238 26.03 12.60 -2.40
C CYS B 238 26.75 11.30 -2.06
N LEU B 239 26.00 10.32 -1.56
CA LEU B 239 26.58 9.03 -1.20
C LEU B 239 27.19 8.35 -2.42
N LYS B 240 26.47 8.40 -3.54
CA LYS B 240 26.94 7.80 -4.78
C LYS B 240 28.30 8.37 -5.16
N LYS B 241 28.41 9.70 -5.19
CA LYS B 241 29.65 10.36 -5.54
C LYS B 241 30.79 10.06 -4.56
N LEU B 242 30.49 10.04 -3.26
CA LEU B 242 31.51 9.76 -2.25
C LEU B 242 32.10 8.37 -2.49
N ARG B 243 31.24 7.40 -2.78
CA ARG B 243 31.69 6.04 -3.03
C ARG B 243 32.53 5.93 -4.30
N GLU B 244 32.24 6.77 -5.28
CA GLU B 244 32.98 6.74 -6.53
C GLU B 244 34.40 7.25 -6.29
N VAL B 245 34.53 8.28 -5.47
CA VAL B 245 35.83 8.85 -5.16
C VAL B 245 36.63 8.04 -4.14
N TYR B 246 35.99 7.63 -3.04
CA TYR B 246 36.70 6.86 -2.03
C TYR B 246 36.63 5.34 -2.14
N ASP B 247 36.31 4.83 -3.33
CA ASP B 247 36.22 3.38 -3.52
C ASP B 247 37.56 2.72 -3.16
#